data_8JML
#
_entry.id   8JML
#
_cell.length_a   48.137
_cell.length_b   94.133
_cell.length_c   111.415
_cell.angle_alpha   90.00
_cell.angle_beta   90.00
_cell.angle_gamma   90.00
#
_symmetry.space_group_name_H-M   'P 21 21 21'
#
loop_
_entity.id
_entity.type
_entity.pdbx_description
1 polymer 'SpoOJ regulator (Soj)'
2 non-polymer "ADENOSINE-5'-TRIPHOSPHATE"
3 non-polymer 'MAGNESIUM ION'
4 water water
#
_entity_poly.entity_id   1
_entity_poly.type   'polypeptide(L)'
_entity_poly.pdbx_seq_one_letter_code
;MMSEIIAVANQKGGVGKTTTAVNLAASLAVHEKKILLIDFAPQANATSSLGFRRDKIDYDIYHVLIGRKQISQVILKTQM
PFLDLVPSNLGLAGFEKTFYDSQDENKRGELMLKNALESVVGLYDYIIIDSPPALGPLTINSLSAAHSVIIPIQCEFFAL
EGTKLLLNTIRMLQKSTNPKLKIRGFLPTMHVPQLNLTKGVLAELFKYFDSEFFRDSATGEYIMIPKSVKLAESPSFGKP
ILLYDIKSNGSIAYQKLAQSILQG
;
_entity_poly.pdbx_strand_id   A,B
#
# COMPACT_ATOMS: atom_id res chain seq x y z
N MET A 1 34.83 0.59 -5.60
CA MET A 1 33.51 0.56 -4.98
C MET A 1 32.92 -0.84 -4.97
N MET A 2 32.37 -1.23 -3.82
CA MET A 2 31.49 -2.39 -3.71
C MET A 2 30.20 -1.89 -3.08
N SER A 3 29.09 -2.00 -3.80
CA SER A 3 27.80 -1.46 -3.37
C SER A 3 27.26 -2.15 -2.12
N GLU A 4 26.77 -1.38 -1.15
CA GLU A 4 25.83 -2.00 -0.24
C GLU A 4 24.44 -1.83 -0.84
N ILE A 5 23.75 -2.95 -1.09
CA ILE A 5 22.42 -2.91 -1.67
C ILE A 5 21.41 -2.97 -0.54
N ILE A 6 20.59 -1.92 -0.42
CA ILE A 6 19.64 -1.84 0.68
C ILE A 6 18.21 -1.78 0.14
N ALA A 7 17.38 -2.75 0.49
CA ALA A 7 15.97 -2.68 0.14
C ALA A 7 15.17 -1.91 1.21
N VAL A 8 14.21 -1.09 0.77
CA VAL A 8 13.29 -0.48 1.73
C VAL A 8 11.96 -1.19 1.51
N ALA A 9 11.47 -1.93 2.51
CA ALA A 9 10.34 -2.83 2.30
C ALA A 9 9.39 -2.86 3.49
N ASN A 10 8.09 -2.83 3.19
CA ASN A 10 7.01 -3.16 4.11
C ASN A 10 5.81 -3.48 3.25
N GLN A 11 5.04 -4.51 3.57
CA GLN A 11 3.86 -4.81 2.76
C GLN A 11 2.66 -3.95 3.15
N LYS A 12 2.76 -3.22 4.25
CA LYS A 12 1.70 -2.28 4.61
C LYS A 12 1.79 -1.08 3.67
N GLY A 13 0.66 -0.61 3.19
CA GLY A 13 0.74 0.53 2.33
C GLY A 13 0.88 1.85 3.05
N GLY A 14 1.61 2.79 2.43
CA GLY A 14 1.64 4.17 2.88
C GLY A 14 2.35 4.40 4.18
N VAL A 15 3.38 3.62 4.44
CA VAL A 15 4.13 3.75 5.68
C VAL A 15 5.43 4.54 5.52
N GLY A 16 5.65 5.10 4.34
CA GLY A 16 6.82 5.93 4.12
C GLY A 16 7.99 5.26 3.44
N LYS A 17 7.79 4.13 2.76
CA LYS A 17 8.85 3.44 2.01
C LYS A 17 9.52 4.32 0.96
N THR A 18 8.70 4.98 0.15
CA THR A 18 9.18 5.86 -0.90
C THR A 18 9.88 7.10 -0.36
N THR A 19 9.27 7.72 0.65
CA THR A 19 9.85 8.89 1.33
C THR A 19 11.20 8.55 1.95
N THR A 20 11.29 7.36 2.55
CA THR A 20 12.55 6.86 3.10
C THR A 20 13.61 6.58 2.05
N ALA A 21 13.25 5.84 0.99
CA ALA A 21 14.20 5.51 -0.09
C ALA A 21 14.80 6.76 -0.76
N VAL A 22 13.93 7.71 -1.11
CA VAL A 22 14.35 8.97 -1.74
C VAL A 22 15.22 9.82 -0.80
N ASN A 23 14.75 10.00 0.42
CA ASN A 23 15.50 10.88 1.33
C ASN A 23 16.75 10.29 1.96
N LEU A 24 16.80 8.97 2.12
CA LEU A 24 18.05 8.33 2.55
C LEU A 24 19.10 8.44 1.43
N ALA A 25 18.67 8.17 0.19
CA ALA A 25 19.54 8.26 -0.99
C ALA A 25 20.12 9.65 -1.17
N ALA A 26 19.31 10.68 -0.98
CA ALA A 26 19.82 12.04 -1.05
C ALA A 26 20.74 12.38 0.11
N SER A 27 20.43 11.87 1.31
CA SER A 27 21.25 12.14 2.50
C SER A 27 22.61 11.45 2.45
N LEU A 28 22.68 10.34 1.72
CA LEU A 28 23.95 9.68 1.47
C LEU A 28 24.76 10.34 0.34
N ALA A 29 24.05 10.81 -0.68
CA ALA A 29 24.66 11.51 -1.82
C ALA A 29 25.47 12.76 -1.47
N VAL A 30 25.01 13.54 -0.48
CA VAL A 30 25.73 14.77 -0.09
C VAL A 30 27.08 14.54 0.59
N HIS A 31 27.35 13.30 1.00
CA HIS A 31 28.64 12.86 1.50
C HIS A 31 29.58 12.34 0.42
N GLU A 32 29.20 12.58 -0.84
CA GLU A 32 29.95 12.21 -2.05
C GLU A 32 30.10 10.70 -2.19
N LYS A 33 29.02 10.01 -1.81
CA LYS A 33 28.89 8.60 -2.03
C LYS A 33 28.02 8.50 -3.28
N LYS A 34 28.39 7.60 -4.19
CA LYS A 34 27.66 7.47 -5.45
C LYS A 34 26.48 6.52 -5.22
N ILE A 35 25.27 7.02 -5.40
CA ILE A 35 24.06 6.31 -5.00
C ILE A 35 23.23 5.98 -6.24
N LEU A 36 22.72 4.76 -6.32
CA LEU A 36 21.71 4.42 -7.33
C LEU A 36 20.38 4.12 -6.64
N LEU A 37 19.36 4.91 -6.94
CA LEU A 37 18.02 4.64 -6.43
C LEU A 37 17.25 3.85 -7.48
N ILE A 38 16.69 2.72 -7.09
CA ILE A 38 15.91 1.90 -7.99
C ILE A 38 14.46 2.02 -7.59
N ASP A 39 13.61 2.49 -8.50
CA ASP A 39 12.20 2.56 -8.20
C ASP A 39 11.66 1.20 -8.62
N PHE A 40 11.33 0.40 -7.62
CA PHE A 40 10.85 -0.97 -7.85
C PHE A 40 9.35 -1.15 -7.69
N ALA A 41 8.60 -0.06 -7.75
CA ALA A 41 7.15 -0.15 -7.61
C ALA A 41 6.46 0.36 -8.89
N PRO A 42 5.38 -0.32 -9.31
CA PRO A 42 4.70 0.05 -10.56
C PRO A 42 4.03 1.41 -10.46
N GLN A 43 3.63 1.83 -9.26
CA GLN A 43 3.08 3.18 -9.06
C GLN A 43 4.10 4.31 -9.29
N ALA A 44 5.39 3.98 -9.19
CA ALA A 44 6.52 4.84 -9.57
C ALA A 44 6.59 6.18 -8.83
N ASN A 45 6.27 6.14 -7.54
CA ASN A 45 6.26 7.36 -6.74
C ASN A 45 7.64 7.95 -6.49
N ALA A 46 8.67 7.09 -6.45
CA ALA A 46 10.05 7.58 -6.26
C ALA A 46 10.53 8.32 -7.49
N THR A 47 10.08 7.86 -8.65
CA THR A 47 10.39 8.53 -9.92
C THR A 47 9.79 9.94 -9.98
N SER A 48 8.53 10.05 -9.58
CA SER A 48 7.85 11.34 -9.48
C SER A 48 8.42 12.27 -8.39
N SER A 49 8.90 11.68 -7.30
CA SER A 49 9.49 12.41 -6.17
C SER A 49 10.74 13.16 -6.56
N LEU A 50 11.45 12.65 -7.56
CA LEU A 50 12.67 13.28 -8.05
C LEU A 50 12.46 14.16 -9.27
N GLY A 51 11.20 14.37 -9.64
CA GLY A 51 10.89 15.37 -10.66
C GLY A 51 10.72 14.82 -12.06
N PHE A 52 10.52 13.52 -12.20
CA PHE A 52 10.33 12.94 -13.52
C PHE A 52 8.87 12.57 -13.80
N ARG A 53 8.43 12.81 -15.03
CA ARG A 53 7.10 12.36 -15.43
C ARG A 53 7.20 10.97 -16.03
N ARG A 54 6.49 10.06 -15.38
CA ARG A 54 6.33 8.64 -15.74
C ARG A 54 5.93 8.40 -17.20
N ASP A 55 5.05 9.26 -17.69
CA ASP A 55 4.57 9.19 -19.06
C ASP A 55 5.60 9.62 -20.11
N LYS A 56 6.64 10.33 -19.68
CA LYS A 56 7.67 10.78 -20.59
C LYS A 56 8.86 9.82 -20.66
N ILE A 57 8.80 8.73 -19.91
CA ILE A 57 9.95 7.84 -19.80
C ILE A 57 9.78 6.62 -20.68
N ASP A 58 10.77 6.41 -21.57
CA ASP A 58 10.70 5.33 -22.56
C ASP A 58 10.94 3.95 -21.98
N TYR A 59 12.17 3.71 -21.52
CA TYR A 59 12.53 2.42 -20.96
C TYR A 59 12.86 2.51 -19.46
N ASP A 60 12.53 1.46 -18.72
CA ASP A 60 12.62 1.50 -17.27
C ASP A 60 13.08 0.16 -16.75
N ILE A 61 12.97 -0.02 -15.43
CA ILE A 61 13.46 -1.21 -14.71
C ILE A 61 12.84 -2.52 -15.22
N TYR A 62 11.59 -2.47 -15.66
CA TYR A 62 10.88 -3.63 -16.22
C TYR A 62 11.59 -4.20 -17.45
N HIS A 63 12.08 -3.31 -18.31
CA HIS A 63 12.78 -3.72 -19.51
C HIS A 63 14.14 -4.35 -19.23
N VAL A 64 14.74 -3.97 -18.11
CA VAL A 64 16.01 -4.52 -17.67
C VAL A 64 15.82 -5.91 -17.09
N LEU A 65 14.75 -6.08 -16.31
CA LEU A 65 14.42 -7.34 -15.66
C LEU A 65 14.16 -8.47 -16.64
N ILE A 66 13.44 -8.16 -17.71
CA ILE A 66 13.14 -9.15 -18.74
C ILE A 66 14.22 -9.21 -19.83
N GLY A 67 15.28 -8.43 -19.67
CA GLY A 67 16.46 -8.55 -20.53
C GLY A 67 16.46 -7.75 -21.82
N ARG A 68 15.50 -6.84 -21.96
CA ARG A 68 15.36 -6.06 -23.17
C ARG A 68 16.37 -4.90 -23.24
N LYS A 69 16.72 -4.37 -22.07
CA LYS A 69 17.73 -3.32 -21.97
C LYS A 69 18.74 -3.71 -20.89
N GLN A 70 19.96 -3.18 -21.01
CA GLN A 70 20.94 -3.23 -19.93
C GLN A 70 20.56 -2.13 -18.95
N ILE A 71 20.92 -2.30 -17.67
CA ILE A 71 20.59 -1.31 -16.64
C ILE A 71 21.24 0.07 -16.87
N SER A 72 22.43 0.07 -17.48
CA SER A 72 23.15 1.30 -17.83
C SER A 72 22.47 2.12 -18.93
N GLN A 73 21.59 1.47 -19.71
CA GLN A 73 20.81 2.18 -20.73
C GLN A 73 19.63 2.95 -20.17
N VAL A 74 19.14 2.57 -18.99
CA VAL A 74 17.98 3.24 -18.41
C VAL A 74 18.24 4.21 -17.24
N ILE A 75 19.49 4.28 -16.78
CA ILE A 75 19.86 5.13 -15.64
C ILE A 75 19.73 6.61 -15.98
N LEU A 76 19.00 7.36 -15.16
CA LEU A 76 18.86 8.80 -15.31
C LEU A 76 19.67 9.56 -14.27
N LYS A 77 20.25 10.69 -14.68
CA LYS A 77 20.88 11.62 -13.74
C LYS A 77 19.79 12.43 -13.08
N THR A 78 19.94 12.70 -11.79
CA THR A 78 19.01 13.60 -11.11
C THR A 78 19.66 14.95 -10.94
N GLN A 79 18.98 15.84 -10.20
CA GLN A 79 19.49 17.17 -9.86
C GLN A 79 20.78 17.13 -9.00
N MET A 80 20.97 16.04 -8.26
CA MET A 80 22.16 15.82 -7.43
C MET A 80 23.13 14.91 -8.17
N PRO A 81 24.38 15.38 -8.42
CA PRO A 81 25.40 14.64 -9.19
C PRO A 81 25.75 13.24 -8.67
N PHE A 82 25.67 13.05 -7.36
CA PHE A 82 25.97 11.76 -6.75
C PHE A 82 24.78 10.83 -6.60
N LEU A 83 23.61 11.26 -7.09
CA LEU A 83 22.41 10.43 -7.02
C LEU A 83 21.86 10.15 -8.42
N ASP A 84 21.84 8.87 -8.82
CA ASP A 84 21.26 8.42 -10.09
C ASP A 84 19.99 7.59 -9.80
N LEU A 85 19.08 7.55 -10.77
CA LEU A 85 17.79 6.88 -10.64
C LEU A 85 17.54 5.84 -11.75
N VAL A 86 17.09 4.65 -11.38
CA VAL A 86 16.52 3.76 -12.38
C VAL A 86 15.01 3.90 -12.21
N PRO A 87 14.34 4.52 -13.22
CA PRO A 87 12.92 4.85 -13.08
C PRO A 87 12.02 3.63 -13.21
N SER A 88 10.77 3.81 -12.82
CA SER A 88 9.77 2.78 -12.95
C SER A 88 8.60 3.31 -13.72
N ASN A 89 7.73 2.40 -14.13
CA ASN A 89 6.52 2.72 -14.84
C ASN A 89 5.46 1.71 -14.49
N LEU A 90 4.24 1.91 -15.00
CA LEU A 90 3.09 1.04 -14.72
C LEU A 90 3.28 -0.33 -15.36
N GLY A 91 4.06 -0.35 -16.45
CA GLY A 91 4.52 -1.58 -17.11
C GLY A 91 5.24 -2.61 -16.24
N LEU A 92 5.84 -2.17 -15.13
CA LEU A 92 6.40 -3.07 -14.12
C LEU A 92 5.37 -4.04 -13.48
N ALA A 93 4.08 -3.69 -13.54
CA ALA A 93 3.01 -4.63 -13.18
C ALA A 93 2.96 -5.91 -14.05
N GLY A 94 3.52 -5.83 -15.26
CA GLY A 94 3.74 -7.02 -16.07
C GLY A 94 4.75 -8.03 -15.57
N PHE A 95 5.62 -7.64 -14.61
CA PHE A 95 6.67 -8.54 -14.10
C PHE A 95 6.17 -9.84 -13.43
N GLU A 96 5.04 -9.73 -12.72
CA GLU A 96 4.40 -10.85 -12.02
C GLU A 96 4.15 -12.08 -12.91
N LYS A 97 3.63 -11.81 -14.09
CA LYS A 97 3.39 -12.81 -15.13
C LYS A 97 4.70 -13.46 -15.61
N THR A 98 5.73 -12.64 -15.82
CA THR A 98 7.08 -13.09 -16.19
C THR A 98 7.70 -13.99 -15.08
N PHE A 99 7.52 -13.58 -13.82
CA PHE A 99 7.98 -14.32 -12.64
C PHE A 99 7.34 -15.71 -12.59
N TYR A 100 6.02 -15.77 -12.73
CA TYR A 100 5.32 -17.04 -12.65
C TYR A 100 5.57 -17.95 -13.88
N ASP A 101 5.97 -17.36 -15.00
CA ASP A 101 6.49 -18.14 -16.14
C ASP A 101 7.82 -18.81 -15.77
N SER A 102 8.74 -18.03 -15.20
CA SER A 102 10.06 -18.52 -14.78
C SER A 102 9.99 -19.55 -13.66
N GLN A 103 9.02 -19.43 -12.76
CA GLN A 103 8.82 -20.41 -11.69
C GLN A 103 8.29 -21.74 -12.24
N ASP A 104 7.51 -21.65 -13.32
CA ASP A 104 6.91 -22.83 -13.94
C ASP A 104 7.93 -23.73 -14.63
N GLU A 105 8.82 -23.15 -15.45
CA GLU A 105 9.81 -23.97 -16.13
C GLU A 105 10.97 -24.41 -15.23
N ASN A 106 11.87 -23.50 -14.87
CA ASN A 106 13.08 -23.85 -14.12
C ASN A 106 13.08 -23.64 -12.60
N LYS A 107 11.94 -23.23 -12.04
CA LYS A 107 11.79 -22.74 -10.65
C LYS A 107 12.77 -21.61 -10.27
N ARG A 108 12.77 -20.57 -11.09
CA ARG A 108 13.58 -19.38 -10.85
C ARG A 108 12.71 -18.13 -10.88
N GLY A 109 13.35 -16.97 -10.90
CA GLY A 109 12.66 -15.69 -10.91
C GLY A 109 12.88 -14.81 -9.69
N GLU A 110 13.41 -15.35 -8.60
CA GLU A 110 13.69 -14.53 -7.41
C GLU A 110 14.93 -13.65 -7.60
N LEU A 111 15.80 -14.08 -8.50
CA LEU A 111 17.11 -13.47 -8.70
C LEU A 111 17.21 -12.50 -9.87
N MET A 112 16.08 -12.17 -10.49
CA MET A 112 16.07 -11.34 -11.69
C MET A 112 16.60 -9.92 -11.49
N LEU A 113 16.27 -9.31 -10.35
CA LEU A 113 16.84 -8.03 -10.01
C LEU A 113 18.33 -8.12 -9.67
N LYS A 114 18.71 -9.12 -8.87
CA LYS A 114 20.12 -9.38 -8.53
C LYS A 114 21.03 -9.52 -9.78
N ASN A 115 20.55 -10.31 -10.76
CA ASN A 115 21.29 -10.52 -12.01
C ASN A 115 21.41 -9.25 -12.83
N ALA A 116 20.33 -8.46 -12.80
CA ALA A 116 20.30 -7.17 -13.47
C ALA A 116 21.22 -6.12 -12.86
N LEU A 117 21.50 -6.25 -11.56
CA LEU A 117 22.29 -5.24 -10.86
C LEU A 117 23.79 -5.52 -10.93
N GLU A 118 24.15 -6.69 -11.47
CA GLU A 118 25.53 -7.19 -11.43
C GLU A 118 26.56 -6.32 -12.15
N SER A 119 26.15 -5.67 -13.24
CA SER A 119 27.03 -4.77 -13.98
C SER A 119 27.23 -3.41 -13.32
N VAL A 120 26.34 -3.02 -12.40
CA VAL A 120 26.54 -1.76 -11.67
C VAL A 120 27.05 -1.81 -10.23
N VAL A 121 27.21 -3.00 -9.63
CA VAL A 121 27.62 -3.08 -8.22
C VAL A 121 29.04 -2.52 -7.92
N GLY A 122 29.91 -2.52 -8.93
CA GLY A 122 31.20 -1.87 -8.79
C GLY A 122 31.18 -0.38 -9.08
N LEU A 123 30.03 0.15 -9.52
CA LEU A 123 29.96 1.57 -9.90
C LEU A 123 29.32 2.49 -8.86
N TYR A 124 28.80 1.92 -7.79
CA TYR A 124 28.04 2.71 -6.82
C TYR A 124 28.46 2.31 -5.43
N ASP A 125 28.41 3.26 -4.50
CA ASP A 125 28.64 2.95 -3.10
C ASP A 125 27.41 2.31 -2.46
N TYR A 126 26.23 2.79 -2.84
CA TYR A 126 24.98 2.27 -2.30
C TYR A 126 23.95 2.14 -3.40
N ILE A 127 23.16 1.07 -3.34
CA ILE A 127 22.04 0.90 -4.23
C ILE A 127 20.83 0.77 -3.33
N ILE A 128 19.88 1.70 -3.44
CA ILE A 128 18.71 1.71 -2.58
C ILE A 128 17.51 1.30 -3.43
N ILE A 129 16.75 0.32 -2.96
CA ILE A 129 15.60 -0.18 -3.71
C ILE A 129 14.29 0.15 -2.99
N ASP A 130 13.41 0.87 -3.67
CA ASP A 130 12.09 1.19 -3.12
C ASP A 130 11.06 0.14 -3.54
N SER A 131 10.55 -0.65 -2.59
CA SER A 131 9.63 -1.79 -2.87
C SER A 131 8.15 -1.39 -2.84
N PRO A 132 7.27 -2.14 -3.55
CA PRO A 132 5.81 -1.91 -3.46
C PRO A 132 5.16 -2.51 -2.19
N PRO A 133 3.96 -2.05 -1.81
CA PRO A 133 3.29 -2.63 -0.63
C PRO A 133 2.70 -4.04 -0.84
N ALA A 134 3.56 -5.05 -0.98
CA ALA A 134 3.10 -6.43 -1.17
C ALA A 134 4.23 -7.32 -0.73
N LEU A 135 3.93 -8.59 -0.47
CA LEU A 135 4.95 -9.62 -0.30
C LEU A 135 5.20 -10.42 -1.60
N GLY A 136 4.70 -9.93 -2.72
CA GLY A 136 4.83 -10.64 -3.98
C GLY A 136 6.20 -10.58 -4.67
N PRO A 137 6.25 -10.92 -5.98
CA PRO A 137 7.47 -11.12 -6.79
C PRO A 137 8.43 -9.93 -6.83
N LEU A 138 7.91 -8.71 -6.80
CA LEU A 138 8.76 -7.53 -6.78
C LEU A 138 9.50 -7.36 -5.45
N THR A 139 8.79 -7.58 -4.35
CA THR A 139 9.40 -7.44 -3.04
C THR A 139 10.33 -8.61 -2.77
N ILE A 140 9.97 -9.78 -3.29
CA ILE A 140 10.82 -10.97 -3.21
C ILE A 140 12.14 -10.75 -3.96
N ASN A 141 12.05 -10.14 -5.13
CA ASN A 141 13.23 -9.79 -5.88
C ASN A 141 14.10 -8.73 -5.21
N SER A 142 13.49 -7.71 -4.58
CA SER A 142 14.26 -6.69 -3.89
C SER A 142 14.99 -7.24 -2.66
N LEU A 143 14.30 -8.09 -1.89
CA LEU A 143 14.92 -8.69 -0.73
C LEU A 143 15.95 -9.76 -1.11
N SER A 144 15.78 -10.39 -2.27
CA SER A 144 16.75 -11.40 -2.68
C SER A 144 18.03 -10.77 -3.24
N ALA A 145 17.92 -9.51 -3.67
CA ALA A 145 19.08 -8.80 -4.19
C ALA A 145 19.90 -8.12 -3.09
N ALA A 146 19.26 -7.88 -1.95
CA ALA A 146 19.78 -6.93 -0.98
C ALA A 146 20.82 -7.49 -0.03
N HIS A 147 21.72 -6.64 0.44
CA HIS A 147 22.58 -6.96 1.58
C HIS A 147 21.77 -6.79 2.84
N SER A 148 20.93 -5.75 2.85
CA SER A 148 20.17 -5.44 4.04
C SER A 148 18.80 -4.82 3.76
N VAL A 149 17.93 -4.82 4.76
CA VAL A 149 16.60 -4.25 4.58
C VAL A 149 16.25 -3.23 5.66
N ILE A 150 15.78 -2.07 5.23
CA ILE A 150 15.20 -1.07 6.11
C ILE A 150 13.69 -1.21 6.09
N ILE A 151 13.08 -1.35 7.27
CA ILE A 151 11.64 -1.50 7.37
C ILE A 151 11.07 -0.25 8.02
N PRO A 152 10.46 0.63 7.20
CA PRO A 152 9.77 1.78 7.79
C PRO A 152 8.48 1.32 8.42
N ILE A 153 8.18 1.84 9.61
CA ILE A 153 7.02 1.37 10.36
C ILE A 153 6.24 2.58 10.83
N GLN A 154 4.99 2.67 10.41
CA GLN A 154 4.09 3.68 10.93
C GLN A 154 3.51 3.07 12.20
N CYS A 155 3.55 3.79 13.34
CA CYS A 155 3.20 3.05 14.55
C CYS A 155 1.74 3.28 14.83
N GLU A 156 0.94 2.45 14.19
CA GLU A 156 -0.50 2.45 14.35
C GLU A 156 -0.79 0.97 14.43
N PHE A 157 -2.04 0.57 14.61
CA PHE A 157 -2.37 -0.80 15.02
C PHE A 157 -1.91 -1.96 14.11
N PHE A 158 -1.95 -1.78 12.81
CA PHE A 158 -1.61 -2.88 11.89
C PHE A 158 -0.11 -3.18 11.80
N ALA A 159 0.72 -2.33 12.42
CA ALA A 159 2.17 -2.52 12.48
C ALA A 159 2.54 -3.79 13.21
N LEU A 160 1.79 -4.14 14.25
CA LEU A 160 2.07 -5.30 15.09
C LEU A 160 1.99 -6.63 14.33
N GLU A 161 0.83 -6.90 13.73
CA GLU A 161 0.62 -8.09 12.89
C GLU A 161 1.51 -8.10 11.63
N GLY A 162 1.78 -6.92 11.07
CA GLY A 162 2.43 -6.84 9.76
C GLY A 162 3.93 -7.06 9.83
N THR A 163 4.53 -6.58 10.91
CA THR A 163 5.98 -6.65 11.12
C THR A 163 6.46 -8.10 11.24
N LYS A 164 5.71 -8.91 11.99
CA LYS A 164 6.01 -10.35 12.16
C LYS A 164 5.99 -11.11 10.84
N LEU A 165 5.01 -10.79 10.00
CA LEU A 165 4.84 -11.44 8.71
C LEU A 165 5.95 -11.10 7.72
N LEU A 166 6.46 -9.87 7.78
CA LEU A 166 7.55 -9.49 6.90
C LEU A 166 8.83 -10.18 7.34
N LEU A 167 9.02 -10.25 8.65
CA LEU A 167 10.15 -10.97 9.26
C LEU A 167 10.21 -12.44 8.88
N ASN A 168 9.03 -13.05 8.76
CA ASN A 168 8.90 -14.43 8.30
C ASN A 168 9.40 -14.65 6.89
N THR A 169 9.02 -13.73 6.00
CA THR A 169 9.48 -13.72 4.61
C THR A 169 11.00 -13.56 4.54
N ILE A 170 11.52 -12.66 5.38
CA ILE A 170 12.96 -12.37 5.45
C ILE A 170 13.77 -13.60 5.90
N ARG A 171 13.29 -14.27 6.95
CA ARG A 171 13.86 -15.54 7.42
C ARG A 171 13.86 -16.64 6.36
N MET A 172 12.76 -16.77 5.64
CA MET A 172 12.63 -17.79 4.58
C MET A 172 13.56 -17.56 3.40
N LEU A 173 13.79 -16.29 3.06
CA LEU A 173 14.74 -15.92 2.01
C LEU A 173 16.18 -16.09 2.48
N GLN A 174 16.42 -15.86 3.78
CA GLN A 174 17.74 -16.06 4.40
C GLN A 174 18.15 -17.53 4.41
N LYS A 175 17.16 -18.42 4.40
CA LYS A 175 17.40 -19.86 4.27
C LYS A 175 17.61 -20.29 2.82
N SER A 176 16.94 -19.63 1.88
CA SER A 176 17.05 -20.09 0.49
C SER A 176 17.86 -19.19 -0.45
N THR A 177 17.24 -18.13 -0.96
CA THR A 177 17.85 -17.42 -2.08
C THR A 177 18.91 -16.37 -1.71
N ASN A 178 18.88 -15.89 -0.47
CA ASN A 178 19.80 -14.81 -0.05
C ASN A 178 20.31 -14.95 1.39
N PRO A 179 21.31 -15.83 1.64
CA PRO A 179 21.80 -16.07 3.01
C PRO A 179 22.41 -14.88 3.74
N LYS A 180 22.97 -13.92 3.00
CA LYS A 180 23.63 -12.77 3.63
C LYS A 180 22.68 -11.69 4.14
N LEU A 181 21.40 -11.80 3.79
CA LEU A 181 20.39 -10.76 4.07
C LEU A 181 20.20 -10.48 5.56
N LYS A 182 20.34 -9.21 5.92
CA LYS A 182 20.21 -8.79 7.32
C LYS A 182 19.13 -7.73 7.43
N ILE A 183 18.63 -7.49 8.63
CA ILE A 183 17.82 -6.31 8.82
C ILE A 183 18.77 -5.19 9.17
N ARG A 184 18.75 -4.12 8.38
CA ARG A 184 19.59 -2.96 8.67
C ARG A 184 18.93 -2.22 9.81
N GLY A 185 17.61 -2.16 9.75
CA GLY A 185 16.86 -1.66 10.87
C GLY A 185 15.40 -1.29 10.65
N PHE A 186 14.71 -1.14 11.78
CA PHE A 186 13.31 -0.73 11.82
C PHE A 186 13.38 0.77 12.00
N LEU A 187 12.64 1.50 11.18
CA LEU A 187 12.58 2.95 11.23
C LEU A 187 11.15 3.44 11.48
N PRO A 188 10.84 3.96 12.69
CA PRO A 188 9.53 4.59 12.87
C PRO A 188 9.37 5.86 12.01
N THR A 189 8.27 5.97 11.28
CA THR A 189 8.06 7.07 10.34
C THR A 189 6.72 7.68 10.67
N MET A 190 6.52 8.92 10.23
CA MET A 190 5.31 9.74 10.53
C MET A 190 5.00 9.81 12.02
N HIS A 191 6.07 9.91 12.79
CA HIS A 191 6.01 9.65 14.21
C HIS A 191 5.48 10.86 14.96
N VAL A 192 4.45 10.61 15.79
CA VAL A 192 3.81 11.62 16.62
C VAL A 192 3.85 11.07 18.05
N PRO A 193 4.88 11.46 18.84
CA PRO A 193 5.19 10.80 20.12
C PRO A 193 4.09 10.86 21.20
N GLN A 194 3.31 11.94 21.21
CA GLN A 194 2.31 12.14 22.27
C GLN A 194 1.06 11.24 22.20
N LEU A 195 0.81 10.63 21.03
CA LEU A 195 -0.38 9.79 20.83
C LEU A 195 -0.32 8.52 21.65
N ASN A 196 -1.43 8.20 22.33
CA ASN A 196 -1.57 6.96 23.11
C ASN A 196 -1.37 5.70 22.27
N LEU A 197 -1.87 5.72 21.04
CA LEU A 197 -1.73 4.58 20.14
C LEU A 197 -0.28 4.37 19.73
N THR A 198 0.43 5.48 19.47
CA THR A 198 1.88 5.46 19.16
C THR A 198 2.71 4.86 20.31
N LYS A 199 2.45 5.30 21.54
CA LYS A 199 3.09 4.77 22.74
C LYS A 199 2.85 3.28 22.94
N GLY A 200 1.60 2.86 22.78
CA GLY A 200 1.21 1.47 22.93
C GLY A 200 1.83 0.55 21.89
N VAL A 201 1.80 0.98 20.64
CA VAL A 201 2.37 0.21 19.52
C VAL A 201 3.90 0.10 19.64
N LEU A 202 4.55 1.21 19.97
CA LEU A 202 6.02 1.21 20.16
C LEU A 202 6.48 0.34 21.33
N ALA A 203 5.72 0.37 22.43
CA ALA A 203 6.00 -0.47 23.60
C ALA A 203 5.97 -1.96 23.26
N GLU A 204 4.98 -2.35 22.47
CA GLU A 204 4.88 -3.72 22.00
C GLU A 204 5.99 -4.07 20.98
N LEU A 205 6.34 -3.13 20.10
CA LEU A 205 7.44 -3.34 19.16
C LEU A 205 8.79 -3.43 19.86
N PHE A 206 9.01 -2.62 20.89
CA PHE A 206 10.23 -2.72 21.69
C PHE A 206 10.29 -4.04 22.48
N LYS A 207 9.12 -4.53 22.88
CA LYS A 207 9.05 -5.78 23.65
C LYS A 207 9.58 -6.99 22.84
N TYR A 208 9.17 -7.07 21.60
CA TYR A 208 9.63 -8.12 20.71
C TYR A 208 10.91 -7.82 19.93
N PHE A 209 10.98 -6.60 19.41
CA PHE A 209 11.99 -6.20 18.44
C PHE A 209 13.09 -5.16 18.77
N ASP A 210 13.29 -4.80 20.05
CA ASP A 210 14.17 -3.66 20.47
C ASP A 210 15.53 -3.57 19.79
N SER A 211 16.17 -4.72 19.62
CA SER A 211 17.50 -4.80 19.02
C SER A 211 17.51 -4.44 17.52
N GLU A 212 16.34 -4.47 16.86
CA GLU A 212 16.25 -4.16 15.45
C GLU A 212 16.09 -2.69 15.11
N PHE A 213 15.83 -1.85 16.10
CA PHE A 213 15.56 -0.44 15.81
C PHE A 213 16.82 0.35 15.50
N PHE A 214 16.73 1.29 14.56
CA PHE A 214 17.84 2.17 14.21
C PHE A 214 18.26 3.07 15.39
N ARG A 215 19.56 3.17 15.60
CA ARG A 215 20.09 3.92 16.73
C ARG A 215 21.09 4.99 16.30
N ASP A 216 21.08 6.15 16.98
CA ASP A 216 22.15 7.14 16.80
C ASP A 216 23.24 6.73 17.76
N SER A 217 24.41 6.39 17.22
CA SER A 217 25.47 5.83 18.06
C SER A 217 26.15 6.85 18.99
N ALA A 218 25.98 8.13 18.67
CA ALA A 218 26.52 9.21 19.48
C ALA A 218 25.78 9.36 20.80
N THR A 219 24.45 9.28 20.72
CA THR A 219 23.58 9.44 21.88
C THR A 219 22.90 8.17 22.42
N GLY A 220 22.99 7.06 21.70
CA GLY A 220 22.16 5.89 22.01
C GLY A 220 20.67 6.01 21.67
N GLU A 221 20.22 7.13 21.11
CA GLU A 221 18.80 7.39 20.89
C GLU A 221 18.21 6.58 19.74
N TYR A 222 16.91 6.34 19.78
CA TYR A 222 16.20 5.69 18.68
C TYR A 222 15.95 6.72 17.56
N ILE A 223 16.34 6.40 16.34
CA ILE A 223 16.11 7.31 15.22
C ILE A 223 14.69 7.12 14.71
N MET A 224 13.90 8.20 14.72
CA MET A 224 12.51 8.18 14.24
C MET A 224 12.26 9.37 13.30
N ILE A 225 11.49 9.14 12.24
CA ILE A 225 11.20 10.25 11.32
C ILE A 225 9.92 10.88 11.79
N PRO A 226 9.96 12.17 12.19
CA PRO A 226 8.75 12.83 12.68
C PRO A 226 7.74 13.08 11.56
N LYS A 227 6.46 13.18 11.93
CA LYS A 227 5.44 13.64 11.01
C LYS A 227 5.75 15.08 10.68
N SER A 228 5.88 15.37 9.39
CA SER A 228 6.33 16.69 8.98
C SER A 228 5.60 17.15 7.74
N VAL A 229 4.98 18.32 7.83
CA VAL A 229 4.30 19.01 6.73
C VAL A 229 5.21 19.18 5.50
N LYS A 230 6.47 19.49 5.75
CA LYS A 230 7.41 19.75 4.67
C LYS A 230 7.87 18.49 3.94
N LEU A 231 7.87 17.37 4.65
CA LEU A 231 8.24 16.09 4.09
C LEU A 231 7.20 15.63 3.07
N ALA A 232 5.95 15.93 3.36
CA ALA A 232 4.85 15.59 2.45
C ALA A 232 4.83 16.56 1.26
N GLU A 233 5.24 17.80 1.48
CA GLU A 233 5.23 18.80 0.40
C GLU A 233 6.36 18.62 -0.60
N SER A 234 7.52 18.17 -0.13
CA SER A 234 8.70 18.05 -0.98
C SER A 234 8.62 17.22 -2.28
N PRO A 235 7.89 16.05 -2.31
CA PRO A 235 7.79 15.43 -3.66
C PRO A 235 6.96 16.23 -4.67
N SER A 236 6.10 17.14 -4.20
CA SER A 236 5.36 18.01 -5.12
C SER A 236 6.24 19.03 -5.81
N PHE A 237 7.42 19.29 -5.26
CA PHE A 237 8.40 20.16 -5.91
C PHE A 237 9.50 19.37 -6.60
N GLY A 238 9.39 18.03 -6.57
CA GLY A 238 10.34 17.16 -7.23
C GLY A 238 11.71 17.15 -6.57
N LYS A 239 11.73 17.40 -5.26
CA LYS A 239 12.97 17.50 -4.52
C LYS A 239 12.91 16.60 -3.31
N PRO A 240 14.07 16.04 -2.92
CA PRO A 240 14.15 15.47 -1.57
C PRO A 240 14.17 16.62 -0.54
N ILE A 241 13.84 16.32 0.73
CA ILE A 241 13.63 17.33 1.77
C ILE A 241 14.90 18.17 2.07
N LEU A 242 16.08 17.60 1.86
CA LEU A 242 17.30 18.37 2.09
C LEU A 242 17.54 19.48 1.05
N LEU A 243 16.94 19.35 -0.13
CA LEU A 243 16.96 20.43 -1.11
C LEU A 243 15.76 21.36 -0.96
N TYR A 244 14.77 20.94 -0.19
CA TYR A 244 13.54 21.70 -0.01
C TYR A 244 13.59 22.53 1.28
N ASP A 245 13.74 21.87 2.43
CA ASP A 245 14.13 22.57 3.66
C ASP A 245 15.16 21.73 4.44
N ILE A 246 16.42 22.13 4.40
CA ILE A 246 17.51 21.35 4.99
C ILE A 246 17.51 21.44 6.53
N LYS A 247 16.88 22.47 7.09
CA LYS A 247 16.86 22.62 8.54
C LYS A 247 15.61 22.06 9.19
N SER A 248 14.71 21.49 8.40
CA SER A 248 13.45 20.99 8.96
C SER A 248 13.73 19.71 9.72
N ASN A 249 12.85 19.36 10.67
CA ASN A 249 13.04 18.17 11.51
C ASN A 249 13.09 16.84 10.75
N GLY A 250 12.35 16.76 9.64
CA GLY A 250 12.40 15.55 8.82
C GLY A 250 13.70 15.44 8.06
N SER A 251 14.24 16.58 7.62
CA SER A 251 15.56 16.58 7.00
C SER A 251 16.65 16.12 7.96
N ILE A 252 16.59 16.66 9.18
CA ILE A 252 17.56 16.34 10.23
C ILE A 252 17.52 14.85 10.60
N ALA A 253 16.31 14.30 10.62
CA ALA A 253 16.11 12.87 10.91
C ALA A 253 16.65 11.93 9.81
N TYR A 254 16.43 12.29 8.56
CA TYR A 254 16.97 11.47 7.47
C TYR A 254 18.49 11.57 7.35
N GLN A 255 19.06 12.72 7.72
CA GLN A 255 20.51 12.83 7.80
C GLN A 255 21.12 12.01 8.96
N LYS A 256 20.38 11.90 10.06
CA LYS A 256 20.78 11.00 11.14
C LYS A 256 20.73 9.55 10.72
N LEU A 257 19.70 9.19 9.95
CA LEU A 257 19.56 7.85 9.37
C LEU A 257 20.75 7.54 8.46
N ALA A 258 21.14 8.50 7.63
CA ALA A 258 22.31 8.31 6.76
C ALA A 258 23.61 8.16 7.54
N GLN A 259 23.75 8.92 8.62
CA GLN A 259 24.90 8.78 9.54
C GLN A 259 24.99 7.36 10.12
N SER A 260 23.86 6.77 10.45
CA SER A 260 23.82 5.41 10.97
C SER A 260 24.25 4.39 9.92
N ILE A 261 23.87 4.63 8.67
CA ILE A 261 24.28 3.77 7.55
C ILE A 261 25.78 3.90 7.27
N LEU A 262 26.25 5.15 7.25
CA LEU A 262 27.65 5.50 6.92
C LEU A 262 28.65 5.03 7.95
N GLN A 263 28.26 5.06 9.21
CA GLN A 263 29.09 4.58 10.31
C GLN A 263 29.24 3.06 10.32
N GLY A 264 28.39 2.36 9.57
CA GLY A 264 28.54 0.93 9.37
C GLY A 264 27.23 0.22 9.63
N MET B 2 -31.49 -8.25 -4.04
CA MET B 2 -30.28 -8.27 -4.87
C MET B 2 -29.24 -7.23 -4.42
N SER B 3 -28.04 -7.73 -4.08
CA SER B 3 -26.95 -6.91 -3.54
C SER B 3 -26.46 -5.82 -4.49
N GLU B 4 -26.22 -4.63 -3.95
CA GLU B 4 -25.28 -3.73 -4.62
C GLU B 4 -23.88 -4.09 -4.13
N ILE B 5 -22.99 -4.43 -5.07
CA ILE B 5 -21.62 -4.79 -4.75
C ILE B 5 -20.76 -3.56 -4.96
N ILE B 6 -20.08 -3.14 -3.90
CA ILE B 6 -19.29 -1.91 -3.92
C ILE B 6 -17.84 -2.25 -3.60
N ALA B 7 -16.93 -1.89 -4.51
CA ALA B 7 -15.51 -2.11 -4.24
C ALA B 7 -14.93 -0.84 -3.66
N VAL B 8 -14.06 -0.96 -2.66
CA VAL B 8 -13.33 0.21 -2.16
C VAL B 8 -11.90 0.05 -2.70
N ALA B 9 -11.48 0.90 -3.65
CA ALA B 9 -10.24 0.66 -4.35
C ALA B 9 -9.41 1.93 -4.51
N ASN B 10 -8.11 1.78 -4.28
CA ASN B 10 -7.10 2.76 -4.67
C ASN B 10 -5.80 1.97 -4.71
N GLN B 11 -4.94 2.18 -5.70
CA GLN B 11 -3.68 1.43 -5.72
C GLN B 11 -2.62 2.05 -4.81
N LYS B 12 -2.86 3.26 -4.35
CA LYS B 12 -1.94 3.91 -3.43
C LYS B 12 -2.08 3.27 -2.05
N GLY B 13 -0.95 3.05 -1.39
CA GLY B 13 -1.03 2.48 -0.08
C GLY B 13 -1.38 3.44 1.04
N GLY B 14 -2.11 2.92 2.02
CA GLY B 14 -2.39 3.63 3.25
C GLY B 14 -3.31 4.83 3.13
N VAL B 15 -4.26 4.76 2.21
CA VAL B 15 -5.18 5.89 1.96
C VAL B 15 -6.54 5.75 2.66
N GLY B 16 -6.69 4.72 3.48
CA GLY B 16 -7.92 4.52 4.19
C GLY B 16 -8.90 3.56 3.56
N LYS B 17 -8.48 2.71 2.61
CA LYS B 17 -9.36 1.68 2.01
C LYS B 17 -10.00 0.75 3.03
N THR B 18 -9.18 0.21 3.94
CA THR B 18 -9.70 -0.74 4.93
C THR B 18 -10.61 -0.06 5.96
N THR B 19 -10.19 1.10 6.44
CA THR B 19 -10.97 1.91 7.38
C THR B 19 -12.32 2.31 6.79
N THR B 20 -12.32 2.66 5.50
CA THR B 20 -13.56 3.01 4.80
C THR B 20 -14.44 1.81 4.61
N ALA B 21 -13.86 0.70 4.17
CA ALA B 21 -14.65 -0.53 3.93
C ALA B 21 -15.26 -1.07 5.22
N VAL B 22 -14.51 -1.05 6.31
CA VAL B 22 -14.98 -1.52 7.61
C VAL B 22 -16.06 -0.61 8.18
N ASN B 23 -15.78 0.69 8.23
CA ASN B 23 -16.73 1.62 8.84
C ASN B 23 -17.95 1.96 8.00
N LEU B 24 -17.86 1.85 6.67
CA LEU B 24 -19.07 2.00 5.87
C LEU B 24 -20.00 0.81 6.03
N ALA B 25 -19.41 -0.40 6.02
CA ALA B 25 -20.17 -1.65 6.18
C ALA B 25 -20.91 -1.67 7.52
N ALA B 26 -20.24 -1.22 8.57
CA ALA B 26 -20.87 -1.07 9.88
C ALA B 26 -21.94 0.00 9.92
N SER B 27 -21.69 1.15 9.28
CA SER B 27 -22.66 2.25 9.26
C SER B 27 -23.92 1.91 8.47
N LEU B 28 -23.79 1.03 7.49
CA LEU B 28 -24.95 0.52 6.78
C LEU B 28 -25.67 -0.57 7.60
N ALA B 29 -24.90 -1.39 8.32
CA ALA B 29 -25.46 -2.53 9.07
C ALA B 29 -26.25 -2.09 10.29
N VAL B 30 -25.94 -0.90 10.82
CA VAL B 30 -26.67 -0.35 11.95
C VAL B 30 -28.14 0.00 11.61
N HIS B 31 -28.42 0.17 10.33
CA HIS B 31 -29.78 0.42 9.82
C HIS B 31 -30.58 -0.85 9.63
N GLU B 32 -29.98 -1.99 10.00
CA GLU B 32 -30.49 -3.35 9.74
C GLU B 32 -30.67 -3.67 8.25
N LYS B 33 -29.72 -3.20 7.44
CA LYS B 33 -29.53 -3.70 6.09
C LYS B 33 -28.51 -4.83 6.22
N LYS B 34 -28.67 -5.88 5.45
CA LYS B 34 -27.81 -7.07 5.59
C LYS B 34 -26.54 -6.87 4.75
N ILE B 35 -25.39 -6.84 5.44
CA ILE B 35 -24.13 -6.44 4.80
C ILE B 35 -23.11 -7.57 4.87
N LEU B 36 -22.46 -7.84 3.74
CA LEU B 36 -21.32 -8.75 3.71
C LEU B 36 -20.06 -7.96 3.40
N LEU B 37 -19.08 -8.03 4.28
CA LEU B 37 -17.78 -7.41 4.00
C LEU B 37 -16.84 -8.49 3.49
N ILE B 38 -16.22 -8.25 2.35
CA ILE B 38 -15.24 -9.17 1.81
C ILE B 38 -13.86 -8.57 2.01
N ASP B 39 -13.01 -9.25 2.75
CA ASP B 39 -11.64 -8.79 2.86
C ASP B 39 -10.91 -9.44 1.69
N PHE B 40 -10.58 -8.62 0.69
CA PHE B 40 -9.88 -9.08 -0.51
C PHE B 40 -8.37 -8.80 -0.54
N ALA B 41 -7.77 -8.49 0.61
CA ALA B 41 -6.33 -8.22 0.65
C ALA B 41 -5.60 -9.27 1.50
N PRO B 42 -4.39 -9.69 1.06
CA PRO B 42 -3.65 -10.75 1.77
C PRO B 42 -3.20 -10.36 3.16
N GLN B 43 -2.97 -9.06 3.38
CA GLN B 43 -2.56 -8.62 4.72
C GLN B 43 -3.74 -8.64 5.73
N ALA B 44 -4.97 -8.70 5.22
CA ALA B 44 -6.17 -9.00 6.01
C ALA B 44 -6.47 -8.03 7.16
N ASN B 45 -6.30 -6.74 6.89
CA ASN B 45 -6.47 -5.72 7.92
C ASN B 45 -7.93 -5.52 8.28
N ALA B 46 -8.82 -5.72 7.32
CA ALA B 46 -10.26 -5.65 7.62
C ALA B 46 -10.74 -6.73 8.58
N THR B 47 -10.23 -7.94 8.37
CA THR B 47 -10.52 -9.11 9.20
C THR B 47 -10.04 -8.84 10.62
N SER B 48 -8.83 -8.31 10.72
CA SER B 48 -8.27 -7.93 12.00
C SER B 48 -8.96 -6.72 12.66
N SER B 49 -9.50 -5.81 11.85
CA SER B 49 -10.24 -4.65 12.36
C SER B 49 -11.53 -5.02 13.09
N LEU B 50 -12.10 -6.16 12.72
CA LEU B 50 -13.34 -6.65 13.30
C LEU B 50 -13.10 -7.64 14.44
N GLY B 51 -11.84 -7.77 14.84
CA GLY B 51 -11.50 -8.49 16.06
C GLY B 51 -11.06 -9.90 15.79
N PHE B 52 -10.93 -10.26 14.52
CA PHE B 52 -10.54 -11.63 14.20
C PHE B 52 -9.04 -11.70 13.94
N ARG B 53 -8.33 -12.37 14.83
CA ARG B 53 -6.89 -12.52 14.69
C ARG B 53 -6.58 -13.55 13.62
N ARG B 54 -5.43 -13.35 12.95
CA ARG B 54 -4.95 -14.18 11.82
C ARG B 54 -4.83 -15.66 12.18
N ASP B 55 -4.42 -15.92 13.42
CA ASP B 55 -4.24 -17.29 13.89
C ASP B 55 -5.55 -18.00 14.23
N LYS B 56 -6.67 -17.27 14.24
CA LYS B 56 -7.98 -17.88 14.49
C LYS B 56 -8.82 -18.13 13.24
N ILE B 57 -8.30 -17.75 12.08
CA ILE B 57 -9.04 -17.90 10.83
C ILE B 57 -8.82 -19.31 10.29
N ASP B 58 -9.90 -20.04 9.99
CA ASP B 58 -9.74 -21.37 9.42
C ASP B 58 -9.71 -21.35 7.90
N TYR B 59 -10.87 -21.24 7.27
CA TYR B 59 -10.93 -21.15 5.82
C TYR B 59 -11.31 -19.73 5.45
N ASP B 60 -10.81 -19.25 4.33
CA ASP B 60 -10.94 -17.84 3.96
C ASP B 60 -11.29 -17.74 2.48
N ILE B 61 -11.28 -16.51 1.96
CA ILE B 61 -11.67 -16.21 0.57
C ILE B 61 -10.85 -16.95 -0.49
N TYR B 62 -9.55 -17.18 -0.19
CA TYR B 62 -8.67 -17.94 -1.09
C TYR B 62 -9.13 -19.38 -1.30
N HIS B 63 -9.67 -20.00 -0.25
CA HIS B 63 -10.22 -21.35 -0.35
C HIS B 63 -11.48 -21.43 -1.22
N VAL B 64 -12.21 -20.31 -1.28
CA VAL B 64 -13.40 -20.21 -2.10
C VAL B 64 -13.01 -20.09 -3.57
N LEU B 65 -12.02 -19.24 -3.83
CA LEU B 65 -11.52 -19.00 -5.19
C LEU B 65 -10.89 -20.22 -5.85
N ILE B 66 -10.26 -21.09 -5.06
CA ILE B 66 -9.68 -22.32 -5.60
C ILE B 66 -10.64 -23.51 -5.48
N GLY B 67 -11.83 -23.27 -4.95
CA GLY B 67 -12.87 -24.28 -4.93
C GLY B 67 -12.80 -25.34 -3.84
N ARG B 68 -12.02 -25.11 -2.79
CA ARG B 68 -12.04 -26.03 -1.65
C ARG B 68 -13.34 -25.84 -0.86
N LYS B 69 -13.84 -24.61 -0.84
CA LYS B 69 -15.04 -24.26 -0.08
C LYS B 69 -16.02 -23.42 -0.91
N GLN B 70 -17.32 -23.58 -0.64
CA GLN B 70 -18.31 -22.59 -1.11
C GLN B 70 -18.22 -21.38 -0.19
N ILE B 71 -18.65 -20.22 -0.67
CA ILE B 71 -18.55 -18.98 0.11
C ILE B 71 -19.39 -18.98 1.40
N SER B 72 -20.51 -19.71 1.42
CA SER B 72 -21.36 -19.85 2.61
C SER B 72 -20.65 -20.54 3.77
N GLN B 73 -19.71 -21.42 3.43
CA GLN B 73 -18.92 -22.14 4.43
C GLN B 73 -17.90 -21.28 5.17
N VAL B 74 -17.43 -20.20 4.54
CA VAL B 74 -16.42 -19.34 5.19
C VAL B 74 -16.91 -18.03 5.85
N ILE B 75 -18.20 -17.72 5.72
CA ILE B 75 -18.75 -16.45 6.21
C ILE B 75 -18.80 -16.42 7.75
N LEU B 76 -18.21 -15.38 8.34
CA LEU B 76 -18.23 -15.23 9.78
C LEU B 76 -19.24 -14.18 10.21
N LYS B 77 -19.93 -14.43 11.30
CA LYS B 77 -20.74 -13.41 11.94
C LYS B 77 -19.87 -12.53 12.83
N THR B 78 -20.24 -11.25 12.92
CA THR B 78 -19.46 -10.29 13.67
C THR B 78 -20.31 -9.86 14.85
N GLN B 79 -19.82 -8.88 15.62
CA GLN B 79 -20.54 -8.34 16.77
C GLN B 79 -21.86 -7.64 16.39
N MET B 80 -21.93 -7.14 15.16
CA MET B 80 -23.16 -6.56 14.66
C MET B 80 -23.96 -7.62 13.93
N PRO B 81 -25.24 -7.78 14.30
CA PRO B 81 -26.06 -8.89 13.77
C PRO B 81 -26.32 -8.82 12.26
N PHE B 82 -26.24 -7.62 11.70
CA PHE B 82 -26.45 -7.42 10.26
C PHE B 82 -25.18 -7.29 9.44
N LEU B 83 -24.02 -7.42 10.08
CA LEU B 83 -22.74 -7.38 9.38
C LEU B 83 -22.05 -8.74 9.43
N ASP B 84 -21.82 -9.33 8.26
CA ASP B 84 -21.10 -10.59 8.10
C ASP B 84 -19.76 -10.32 7.39
N LEU B 85 -18.80 -11.22 7.57
CA LEU B 85 -17.44 -11.04 7.04
C LEU B 85 -16.95 -12.29 6.31
N VAL B 86 -16.43 -12.11 5.10
CA VAL B 86 -15.59 -13.13 4.47
C VAL B 86 -14.13 -12.77 4.76
N PRO B 87 -13.47 -13.57 5.61
CA PRO B 87 -12.14 -13.18 6.05
C PRO B 87 -11.08 -13.48 5.00
N SER B 88 -9.92 -12.87 5.18
CA SER B 88 -8.81 -13.15 4.31
C SER B 88 -7.68 -13.66 5.16
N ASN B 89 -6.60 -14.06 4.48
CA ASN B 89 -5.40 -14.52 5.14
C ASN B 89 -4.25 -14.38 4.15
N LEU B 90 -3.05 -14.73 4.61
CA LEU B 90 -1.80 -14.68 3.85
C LEU B 90 -1.80 -15.52 2.60
N GLY B 91 -2.55 -16.63 2.64
CA GLY B 91 -2.72 -17.53 1.51
C GLY B 91 -3.31 -16.93 0.25
N LEU B 92 -4.03 -15.80 0.40
CA LEU B 92 -4.57 -15.04 -0.73
C LEU B 92 -3.49 -14.44 -1.65
N ALA B 93 -2.24 -14.35 -1.18
CA ALA B 93 -1.11 -14.04 -2.06
C ALA B 93 -0.81 -15.15 -3.09
N GLY B 94 -1.34 -16.37 -2.87
CA GLY B 94 -1.30 -17.41 -3.89
C GLY B 94 -2.28 -17.25 -5.04
N PHE B 95 -3.19 -16.27 -4.96
CA PHE B 95 -4.20 -16.06 -6.02
C PHE B 95 -3.60 -15.63 -7.36
N GLU B 96 -2.49 -14.89 -7.30
CA GLU B 96 -1.83 -14.34 -8.50
C GLU B 96 -1.35 -15.45 -9.42
N LYS B 97 -0.80 -16.50 -8.83
CA LYS B 97 -0.43 -17.72 -9.53
C LYS B 97 -1.63 -18.41 -10.18
N THR B 98 -2.71 -18.53 -9.41
CA THR B 98 -3.97 -19.10 -9.88
C THR B 98 -4.59 -18.30 -11.04
N PHE B 99 -4.49 -16.97 -10.96
CA PHE B 99 -4.99 -16.04 -11.99
C PHE B 99 -4.28 -16.24 -13.33
N TYR B 100 -2.95 -16.35 -13.31
CA TYR B 100 -2.22 -16.45 -14.57
C TYR B 100 -2.31 -17.86 -15.16
N ASP B 101 -2.55 -18.84 -14.30
CA ASP B 101 -2.77 -20.22 -14.73
C ASP B 101 -4.10 -20.38 -15.46
N SER B 102 -5.13 -19.70 -14.96
CA SER B 102 -6.46 -19.74 -15.54
C SER B 102 -6.48 -19.04 -16.88
N GLN B 103 -5.64 -18.01 -17.02
CA GLN B 103 -5.51 -17.28 -18.28
C GLN B 103 -4.82 -18.10 -19.38
N ASP B 104 -4.15 -19.19 -18.99
CA ASP B 104 -3.73 -20.22 -19.92
C ASP B 104 -4.81 -21.29 -20.17
N GLU B 105 -5.78 -21.40 -19.27
CA GLU B 105 -6.90 -22.34 -19.46
C GLU B 105 -8.22 -21.71 -19.96
N ASN B 106 -8.27 -20.38 -20.00
CA ASN B 106 -9.42 -19.58 -20.48
C ASN B 106 -8.99 -18.13 -20.69
N LYS B 107 -9.96 -17.24 -20.93
CA LYS B 107 -9.71 -15.80 -20.79
C LYS B 107 -10.24 -15.18 -19.46
N ARG B 108 -10.76 -16.04 -18.57
CA ARG B 108 -11.69 -15.67 -17.49
C ARG B 108 -11.20 -15.33 -16.06
N GLY B 109 -9.89 -15.18 -15.84
CA GLY B 109 -9.36 -14.92 -14.51
C GLY B 109 -9.87 -13.70 -13.75
N GLU B 110 -10.36 -12.70 -14.48
CA GLU B 110 -10.89 -11.49 -13.91
C GLU B 110 -12.24 -11.67 -13.20
N LEU B 111 -12.93 -12.76 -13.52
CA LEU B 111 -14.28 -13.02 -13.02
C LEU B 111 -14.38 -13.98 -11.83
N MET B 112 -13.24 -14.40 -11.28
CA MET B 112 -13.21 -15.41 -10.22
C MET B 112 -13.90 -15.01 -8.91
N LEU B 113 -13.80 -13.74 -8.53
CA LEU B 113 -14.56 -13.25 -7.37
C LEU B 113 -16.05 -13.12 -7.69
N LYS B 114 -16.35 -12.59 -8.88
CA LYS B 114 -17.72 -12.41 -9.36
C LYS B 114 -18.48 -13.74 -9.38
N ASN B 115 -17.82 -14.78 -9.88
CA ASN B 115 -18.38 -16.13 -9.84
C ASN B 115 -18.52 -16.68 -8.44
N ALA B 116 -17.60 -16.31 -7.54
CA ALA B 116 -17.68 -16.77 -6.16
C ALA B 116 -18.83 -16.11 -5.38
N LEU B 117 -19.20 -14.90 -5.78
CA LEU B 117 -20.23 -14.14 -5.06
C LEU B 117 -21.65 -14.46 -5.49
N GLU B 118 -21.81 -15.24 -6.57
CA GLU B 118 -23.12 -15.44 -7.21
C GLU B 118 -24.15 -16.17 -6.36
N SER B 119 -23.70 -16.94 -5.36
CA SER B 119 -24.65 -17.61 -4.47
C SER B 119 -25.07 -16.77 -3.25
N VAL B 120 -24.38 -15.65 -3.01
CA VAL B 120 -24.82 -14.75 -1.93
C VAL B 120 -25.49 -13.42 -2.33
N VAL B 121 -25.60 -13.12 -3.62
CA VAL B 121 -26.10 -11.81 -4.04
C VAL B 121 -27.57 -11.53 -3.71
N GLY B 122 -28.36 -12.59 -3.54
CA GLY B 122 -29.74 -12.42 -3.14
C GLY B 122 -29.93 -12.45 -1.64
N LEU B 123 -28.84 -12.70 -0.90
CA LEU B 123 -28.92 -12.80 0.55
C LEU B 123 -28.49 -11.55 1.30
N TYR B 124 -27.94 -10.56 0.59
CA TYR B 124 -27.43 -9.37 1.26
C TYR B 124 -27.91 -8.13 0.54
N ASP B 125 -28.02 -7.01 1.24
CA ASP B 125 -28.40 -5.75 0.61
C ASP B 125 -27.19 -5.09 -0.06
N TYR B 126 -26.05 -5.21 0.61
CA TYR B 126 -24.81 -4.62 0.13
C TYR B 126 -23.69 -5.62 0.35
N ILE B 127 -22.78 -5.68 -0.61
CA ILE B 127 -21.55 -6.42 -0.45
C ILE B 127 -20.42 -5.44 -0.65
N ILE B 128 -19.57 -5.29 0.38
CA ILE B 128 -18.50 -4.29 0.36
C ILE B 128 -17.15 -5.01 0.23
N ILE B 129 -16.33 -4.62 -0.73
CA ILE B 129 -15.06 -5.31 -0.95
C ILE B 129 -13.86 -4.43 -0.61
N ASP B 130 -13.01 -4.89 0.32
CA ASP B 130 -11.77 -4.19 0.62
C ASP B 130 -10.62 -4.68 -0.28
N SER B 131 -10.08 -3.79 -1.12
CA SER B 131 -9.00 -4.10 -2.09
C SER B 131 -7.58 -3.84 -1.59
N PRO B 132 -6.58 -4.58 -2.12
CA PRO B 132 -5.18 -4.31 -1.79
C PRO B 132 -4.62 -3.11 -2.58
N PRO B 133 -3.49 -2.52 -2.12
CA PRO B 133 -2.88 -1.41 -2.85
C PRO B 133 -2.08 -1.80 -4.10
N ALA B 134 -2.78 -2.24 -5.15
CA ALA B 134 -2.14 -2.56 -6.41
C ALA B 134 -3.23 -2.51 -7.47
N LEU B 135 -2.82 -2.47 -8.72
CA LEU B 135 -3.73 -2.66 -9.86
C LEU B 135 -3.72 -4.09 -10.41
N GLY B 136 -3.16 -5.02 -9.63
CA GLY B 136 -3.04 -6.40 -10.06
C GLY B 136 -4.33 -7.20 -10.04
N PRO B 137 -4.23 -8.54 -10.12
CA PRO B 137 -5.37 -9.46 -10.27
C PRO B 137 -6.41 -9.41 -9.15
N LEU B 138 -5.99 -9.10 -7.92
CA LEU B 138 -6.96 -9.00 -6.83
C LEU B 138 -7.86 -7.78 -7.01
N THR B 139 -7.27 -6.62 -7.29
CA THR B 139 -8.05 -5.40 -7.52
C THR B 139 -8.89 -5.48 -8.80
N ILE B 140 -8.34 -6.14 -9.82
CA ILE B 140 -9.06 -6.38 -11.08
C ILE B 140 -10.30 -7.27 -10.85
N ASN B 141 -10.16 -8.25 -9.98
CA ASN B 141 -11.30 -9.08 -9.55
C ASN B 141 -12.37 -8.32 -8.77
N SER B 142 -11.93 -7.40 -7.91
CA SER B 142 -12.83 -6.54 -7.11
C SER B 142 -13.63 -5.64 -8.02
N LEU B 143 -12.94 -4.98 -8.94
CA LEU B 143 -13.60 -4.06 -9.85
C LEU B 143 -14.46 -4.78 -10.88
N SER B 144 -14.11 -6.01 -11.24
CA SER B 144 -14.93 -6.78 -12.17
C SER B 144 -16.15 -7.39 -11.51
N ALA B 145 -16.11 -7.56 -10.18
CA ALA B 145 -17.28 -8.09 -9.50
C ALA B 145 -18.27 -6.99 -9.13
N ALA B 146 -17.81 -5.75 -9.11
CA ALA B 146 -18.58 -4.66 -8.52
C ALA B 146 -19.62 -4.02 -9.44
N HIS B 147 -20.71 -3.55 -8.84
CA HIS B 147 -21.62 -2.63 -9.50
C HIS B 147 -21.03 -1.22 -9.47
N SER B 148 -20.37 -0.89 -8.36
CA SER B 148 -19.85 0.46 -8.18
C SER B 148 -18.53 0.53 -7.40
N VAL B 149 -17.81 1.65 -7.51
CA VAL B 149 -16.54 1.75 -6.80
C VAL B 149 -16.41 3.03 -6.00
N ILE B 150 -16.04 2.90 -4.72
CA ILE B 150 -15.69 4.06 -3.90
C ILE B 150 -14.19 4.24 -3.87
N ILE B 151 -13.71 5.45 -4.19
CA ILE B 151 -12.29 5.70 -4.19
C ILE B 151 -11.91 6.62 -3.03
N PRO B 152 -11.28 6.04 -1.99
CA PRO B 152 -10.79 6.88 -0.89
C PRO B 152 -9.60 7.67 -1.38
N ILE B 153 -9.57 8.97 -1.09
CA ILE B 153 -8.47 9.79 -1.53
C ILE B 153 -7.80 10.49 -0.35
N GLN B 154 -6.52 10.20 -0.13
CA GLN B 154 -5.75 10.98 0.82
C GLN B 154 -5.21 12.17 0.05
N CYS B 155 -5.41 13.41 0.52
CA CYS B 155 -5.03 14.49 -0.39
C CYS B 155 -3.63 14.94 -0.05
N GLU B 156 -2.71 14.25 -0.70
CA GLU B 156 -1.29 14.50 -0.64
C GLU B 156 -0.87 14.27 -2.06
N PHE B 157 0.41 14.46 -2.37
CA PHE B 157 0.84 14.73 -3.74
C PHE B 157 0.63 13.59 -4.75
N PHE B 158 0.88 12.35 -4.31
CA PHE B 158 0.76 11.20 -5.22
C PHE B 158 -0.68 10.85 -5.64
N ALA B 159 -1.66 11.47 -4.99
CA ALA B 159 -3.06 11.29 -5.36
C ALA B 159 -3.39 11.87 -6.73
N LEU B 160 -2.62 12.87 -7.19
CA LEU B 160 -2.89 13.50 -8.48
C LEU B 160 -2.63 12.55 -9.63
N GLU B 161 -1.40 12.03 -9.72
CA GLU B 161 -1.04 10.99 -10.71
C GLU B 161 -1.81 9.68 -10.47
N GLY B 162 -2.13 9.39 -9.21
CA GLY B 162 -2.73 8.11 -8.86
C GLY B 162 -4.20 7.97 -9.24
N THR B 163 -4.97 9.04 -9.04
CA THR B 163 -6.40 9.06 -9.32
C THR B 163 -6.65 8.92 -10.81
N LYS B 164 -5.83 9.63 -11.60
CA LYS B 164 -5.90 9.58 -13.06
C LYS B 164 -5.64 8.16 -13.60
N LEU B 165 -4.66 7.47 -13.01
CA LEU B 165 -4.36 6.10 -13.41
C LEU B 165 -5.48 5.09 -13.04
N LEU B 166 -6.03 5.23 -11.83
CA LEU B 166 -7.11 4.36 -11.37
C LEU B 166 -8.36 4.52 -12.25
N LEU B 167 -8.65 5.75 -12.64
CA LEU B 167 -9.78 6.05 -13.50
C LEU B 167 -9.62 5.48 -14.90
N ASN B 168 -8.39 5.48 -15.39
CA ASN B 168 -8.06 4.87 -16.66
C ASN B 168 -8.26 3.34 -16.62
N THR B 169 -7.95 2.74 -15.47
CA THR B 169 -8.19 1.31 -15.25
C THR B 169 -9.68 0.98 -15.26
N ILE B 170 -10.47 1.83 -14.62
CA ILE B 170 -11.91 1.67 -14.54
C ILE B 170 -12.57 1.83 -15.93
N ARG B 171 -12.11 2.83 -16.70
CA ARG B 171 -12.56 3.06 -18.08
C ARG B 171 -12.31 1.88 -19.01
N MET B 172 -11.14 1.26 -18.87
CA MET B 172 -10.80 0.08 -19.65
C MET B 172 -11.62 -1.14 -19.26
N LEU B 173 -12.04 -1.22 -18.00
CA LEU B 173 -12.92 -2.31 -17.58
C LEU B 173 -14.35 -2.07 -18.03
N GLN B 174 -14.72 -0.79 -18.12
CA GLN B 174 -16.07 -0.41 -18.57
C GLN B 174 -16.27 -0.72 -20.06
N LYS B 175 -15.17 -0.75 -20.81
CA LYS B 175 -15.22 -1.24 -22.17
C LYS B 175 -15.34 -2.75 -22.13
N SER B 176 -14.33 -3.40 -21.56
CA SER B 176 -14.25 -4.85 -21.72
C SER B 176 -15.10 -5.69 -20.76
N THR B 177 -14.62 -5.89 -19.54
CA THR B 177 -15.18 -6.97 -18.72
C THR B 177 -16.30 -6.58 -17.77
N ASN B 178 -16.52 -5.28 -17.55
CA ASN B 178 -17.62 -4.86 -16.69
C ASN B 178 -18.27 -3.57 -17.15
N PRO B 179 -19.16 -3.64 -18.18
CA PRO B 179 -19.77 -2.42 -18.73
C PRO B 179 -20.66 -1.59 -17.79
N LYS B 180 -21.22 -2.23 -16.77
CA LYS B 180 -22.15 -1.61 -15.82
C LYS B 180 -21.47 -0.83 -14.68
N LEU B 181 -20.14 -0.91 -14.61
CA LEU B 181 -19.38 -0.37 -13.48
C LEU B 181 -19.44 1.16 -13.41
N LYS B 182 -19.84 1.69 -12.25
CA LYS B 182 -19.95 3.13 -12.02
C LYS B 182 -18.98 3.57 -10.94
N ILE B 183 -18.59 4.84 -10.97
CA ILE B 183 -17.91 5.41 -9.81
C ILE B 183 -19.00 5.79 -8.83
N ARG B 184 -19.02 5.19 -7.64
CA ARG B 184 -20.01 5.56 -6.63
C ARG B 184 -19.63 6.93 -6.07
N GLY B 185 -18.33 7.12 -5.92
CA GLY B 185 -17.84 8.42 -5.52
C GLY B 185 -16.41 8.45 -5.04
N PHE B 186 -15.91 9.69 -4.92
CA PHE B 186 -14.57 9.97 -4.42
C PHE B 186 -14.77 10.42 -2.97
N LEU B 187 -14.02 9.82 -2.05
CA LEU B 187 -14.14 10.18 -0.64
C LEU B 187 -12.80 10.66 -0.07
N PRO B 188 -12.66 11.96 0.26
CA PRO B 188 -11.44 12.38 0.96
C PRO B 188 -11.32 11.76 2.37
N THR B 189 -10.17 11.16 2.67
CA THR B 189 -9.96 10.44 3.93
C THR B 189 -8.77 11.07 4.61
N MET B 190 -8.64 10.87 5.93
CA MET B 190 -7.56 11.44 6.76
C MET B 190 -7.40 12.95 6.60
N HIS B 191 -8.54 13.61 6.51
CA HIS B 191 -8.59 14.92 5.91
C HIS B 191 -8.26 15.98 6.93
N VAL B 192 -7.31 16.85 6.58
CA VAL B 192 -6.89 17.97 7.41
C VAL B 192 -7.04 19.23 6.56
N PRO B 193 -8.21 19.91 6.67
CA PRO B 193 -8.62 21.00 5.75
C PRO B 193 -7.69 22.21 5.68
N GLN B 194 -6.96 22.49 6.76
CA GLN B 194 -6.14 23.69 6.83
C GLN B 194 -4.74 23.59 6.18
N LEU B 195 -4.32 22.38 5.80
CA LEU B 195 -3.00 22.21 5.17
C LEU B 195 -3.00 22.73 3.74
N ASN B 196 -1.91 23.40 3.37
CA ASN B 196 -1.76 23.93 2.01
C ASN B 196 -1.64 22.84 0.95
N LEU B 197 -1.05 21.71 1.32
CA LEU B 197 -0.94 20.59 0.40
C LEU B 197 -2.32 19.99 0.14
N THR B 198 -3.11 19.84 1.21
CA THR B 198 -4.49 19.37 1.13
C THR B 198 -5.35 20.28 0.24
N LYS B 199 -5.22 21.59 0.44
CA LYS B 199 -5.93 22.60 -0.35
C LYS B 199 -5.54 22.56 -1.82
N GLY B 200 -4.25 22.42 -2.10
CA GLY B 200 -3.76 22.35 -3.46
C GLY B 200 -4.19 21.09 -4.19
N VAL B 201 -4.15 19.95 -3.50
CA VAL B 201 -4.51 18.67 -4.12
C VAL B 201 -6.01 18.58 -4.39
N LEU B 202 -6.82 18.96 -3.39
CA LEU B 202 -8.27 19.06 -3.55
C LEU B 202 -8.76 20.00 -4.65
N ALA B 203 -8.15 21.18 -4.75
CA ALA B 203 -8.45 22.14 -5.84
C ALA B 203 -8.20 21.55 -7.22
N GLU B 204 -7.08 20.83 -7.35
CA GLU B 204 -6.74 20.17 -8.61
C GLU B 204 -7.72 19.05 -8.97
N LEU B 205 -8.07 18.22 -7.99
CA LEU B 205 -9.06 17.15 -8.19
C LEU B 205 -10.45 17.68 -8.50
N PHE B 206 -10.84 18.78 -7.84
CA PHE B 206 -12.15 19.42 -8.05
C PHE B 206 -12.35 19.96 -9.46
N LYS B 207 -11.26 20.36 -10.14
CA LYS B 207 -11.34 20.91 -11.51
C LYS B 207 -11.88 19.88 -12.47
N TYR B 208 -11.35 18.67 -12.36
CA TYR B 208 -11.75 17.57 -13.20
C TYR B 208 -12.93 16.77 -12.68
N PHE B 209 -12.89 16.50 -11.38
CA PHE B 209 -13.76 15.52 -10.72
C PHE B 209 -14.90 15.93 -9.78
N ASP B 210 -15.25 17.22 -9.66
CA ASP B 210 -16.20 17.73 -8.63
C ASP B 210 -17.55 17.00 -8.49
N SER B 211 -18.07 16.51 -9.61
CA SER B 211 -19.33 15.79 -9.62
C SER B 211 -19.21 14.36 -9.06
N GLU B 212 -17.97 13.88 -8.90
CA GLU B 212 -17.74 12.56 -8.35
C GLU B 212 -17.60 12.58 -6.85
N PHE B 213 -17.48 13.74 -6.22
CA PHE B 213 -17.30 13.75 -4.77
C PHE B 213 -18.62 13.51 -4.02
N PHE B 214 -18.56 12.68 -2.97
CA PHE B 214 -19.71 12.40 -2.12
C PHE B 214 -20.28 13.64 -1.43
N ARG B 215 -21.59 13.76 -1.42
CA ARG B 215 -22.24 14.88 -0.76
C ARG B 215 -23.28 14.37 0.24
N ASP B 216 -23.45 15.12 1.34
CA ASP B 216 -24.46 14.83 2.38
C ASP B 216 -25.83 14.99 1.75
N SER B 217 -26.66 13.96 1.90
CA SER B 217 -28.02 13.98 1.38
C SER B 217 -28.95 14.92 2.15
N ALA B 218 -28.62 15.24 3.40
CA ALA B 218 -29.35 16.27 4.13
C ALA B 218 -28.92 17.70 3.82
N THR B 219 -27.62 17.97 3.90
CA THR B 219 -27.12 19.34 3.79
C THR B 219 -26.47 19.79 2.47
N GLY B 220 -26.25 18.87 1.53
CA GLY B 220 -25.46 19.18 0.34
C GLY B 220 -23.95 19.41 0.49
N GLU B 221 -23.42 19.38 1.72
CA GLU B 221 -21.99 19.54 1.97
C GLU B 221 -21.21 18.33 1.47
N TYR B 222 -19.97 18.55 1.04
CA TYR B 222 -19.07 17.44 0.73
C TYR B 222 -18.78 16.59 1.98
N ILE B 223 -18.83 15.26 1.80
CA ILE B 223 -18.53 14.34 2.87
C ILE B 223 -17.04 14.04 2.82
N MET B 224 -16.34 14.33 3.90
CA MET B 224 -14.91 14.01 4.01
C MET B 224 -14.68 13.34 5.35
N ILE B 225 -13.78 12.35 5.40
CA ILE B 225 -13.49 11.73 6.68
C ILE B 225 -12.31 12.45 7.32
N PRO B 226 -12.54 13.11 8.48
CA PRO B 226 -11.48 13.90 9.12
C PRO B 226 -10.40 13.00 9.70
N LYS B 227 -9.18 13.53 9.81
CA LYS B 227 -8.12 12.82 10.51
C LYS B 227 -8.53 12.77 11.97
N SER B 228 -8.59 11.56 12.52
CA SER B 228 -9.18 11.34 13.82
C SER B 228 -8.38 10.30 14.58
N VAL B 229 -7.90 10.66 15.78
CA VAL B 229 -7.16 9.77 16.69
C VAL B 229 -7.99 8.51 17.05
N LYS B 230 -9.28 8.74 17.26
CA LYS B 230 -10.22 7.67 17.60
C LYS B 230 -10.46 6.66 16.48
N LEU B 231 -10.43 7.12 15.24
CA LEU B 231 -10.53 6.19 14.10
C LEU B 231 -9.33 5.27 14.01
N ALA B 232 -8.14 5.81 14.24
CA ALA B 232 -6.91 5.03 14.24
C ALA B 232 -6.87 4.03 15.41
N GLU B 233 -7.49 4.41 16.52
CA GLU B 233 -7.54 3.52 17.70
C GLU B 233 -8.50 2.36 17.54
N SER B 234 -9.59 2.58 16.80
CA SER B 234 -10.67 1.58 16.66
C SER B 234 -10.34 0.13 16.26
N PRO B 235 -9.41 -0.11 15.29
CA PRO B 235 -9.08 -1.53 15.06
C PRO B 235 -8.31 -2.20 16.19
N SER B 236 -7.65 -1.44 17.07
CA SER B 236 -7.02 -2.03 18.25
C SER B 236 -8.03 -2.59 19.27
N PHE B 237 -9.26 -2.09 19.23
CA PHE B 237 -10.32 -2.63 20.06
C PHE B 237 -11.13 -3.67 19.31
N GLY B 238 -10.83 -3.85 18.03
CA GLY B 238 -11.53 -4.84 17.21
C GLY B 238 -12.99 -4.48 16.95
N LYS B 239 -13.25 -3.19 16.89
CA LYS B 239 -14.62 -2.71 16.75
C LYS B 239 -14.64 -1.60 15.74
N PRO B 240 -15.73 -1.52 14.96
CA PRO B 240 -15.89 -0.29 14.19
C PRO B 240 -16.29 0.83 15.15
N ILE B 241 -15.99 2.07 14.78
CA ILE B 241 -16.08 3.20 15.68
C ILE B 241 -17.50 3.51 16.22
N LEU B 242 -18.53 3.17 15.45
CA LEU B 242 -19.92 3.38 15.91
C LEU B 242 -20.34 2.53 17.10
N LEU B 243 -19.69 1.38 17.29
CA LEU B 243 -20.11 0.44 18.34
C LEU B 243 -19.74 0.91 19.73
N TYR B 244 -18.84 1.87 19.79
CA TYR B 244 -18.37 2.43 21.05
C TYR B 244 -18.44 3.97 21.15
N ASP B 245 -17.84 4.71 20.22
CA ASP B 245 -18.02 6.17 20.20
C ASP B 245 -18.79 6.58 18.94
N ILE B 246 -20.08 6.82 19.09
CA ILE B 246 -20.93 7.07 17.93
C ILE B 246 -21.05 8.57 17.65
N LYS B 247 -20.58 9.37 18.62
CA LYS B 247 -20.56 10.83 18.51
C LYS B 247 -19.21 11.47 18.13
N SER B 248 -18.19 10.66 17.86
CA SER B 248 -16.92 11.19 17.34
C SER B 248 -17.13 11.72 15.91
N ASN B 249 -16.26 12.62 15.46
CA ASN B 249 -16.39 13.19 14.13
C ASN B 249 -16.12 12.18 13.02
N GLY B 250 -15.29 11.19 13.32
CA GLY B 250 -14.99 10.11 12.39
C GLY B 250 -16.19 9.22 12.20
N SER B 251 -16.90 8.93 13.30
CA SER B 251 -18.09 8.09 13.22
C SER B 251 -19.24 8.78 12.50
N ILE B 252 -19.36 10.08 12.76
CA ILE B 252 -20.45 10.87 12.19
C ILE B 252 -20.27 11.00 10.68
N ALA B 253 -19.01 11.13 10.24
CA ALA B 253 -18.72 11.23 8.81
C ALA B 253 -19.04 9.96 8.04
N TYR B 254 -18.66 8.81 8.59
CA TYR B 254 -19.00 7.53 7.95
C TYR B 254 -20.48 7.22 7.96
N GLN B 255 -21.17 7.72 8.98
CA GLN B 255 -22.62 7.57 9.04
C GLN B 255 -23.28 8.43 7.95
N LYS B 256 -22.75 9.63 7.73
CA LYS B 256 -23.17 10.47 6.59
C LYS B 256 -22.96 9.79 5.26
N LEU B 257 -21.82 9.11 5.12
CA LEU B 257 -21.50 8.34 3.91
C LEU B 257 -22.51 7.22 3.65
N ALA B 258 -22.90 6.50 4.71
CA ALA B 258 -23.86 5.41 4.58
C ALA B 258 -25.24 5.89 4.18
N GLN B 259 -25.65 7.01 4.77
CA GLN B 259 -26.91 7.65 4.46
C GLN B 259 -26.96 8.09 3.00
N SER B 260 -25.84 8.61 2.52
CA SER B 260 -25.69 8.95 1.10
C SER B 260 -25.76 7.72 0.17
N ILE B 261 -25.22 6.57 0.62
CA ILE B 261 -25.29 5.33 -0.15
C ILE B 261 -26.72 4.78 -0.19
N LEU B 262 -27.41 4.86 0.95
CA LEU B 262 -28.78 4.34 1.08
C LEU B 262 -29.84 5.10 0.25
N GLN B 263 -29.55 6.35 -0.10
CA GLN B 263 -30.40 7.09 -1.03
C GLN B 263 -30.34 6.48 -2.43
N GLY B 264 -29.16 5.97 -2.79
CA GLY B 264 -28.95 5.34 -4.08
C GLY B 264 -27.83 6.05 -4.84
#